data_7DEM
#
_entry.id   7DEM
#
_cell.length_a   35.854
_cell.length_b   66.306
_cell.length_c   63.542
_cell.angle_alpha   90.00
_cell.angle_beta   90.63
_cell.angle_gamma   90.00
#
_symmetry.space_group_name_H-M   'P 1 21 1'
#
loop_
_entity.id
_entity.type
_entity.pdbx_description
1 polymer 'UDP-3-O-acyl-N-acetylglucosamine deacetylase'
2 non-polymer 'ZINC ION'
3 non-polymer 5-[4-[3-[[2-[(1~{S})-1-oxidanylethyl]imidazol-1-yl]methyl]-1,2-oxazol-5-yl]phenyl]pent-4-yn-1-ol
4 water water
#
_entity_poly.entity_id   1
_entity_poly.type   'polypeptide(L)'
_entity_poly.pdbx_seq_one_letter_code
;MIKQRTLKNIIRATGVGLHSGEKVYLTLKPAPVDTGIVFSRTDLDPVVEIPARAENVGETTMSTTLVKGDVKVDTVEHLL
SAMAGLGIDNAYVELSASEVPIMDGSAGPFVFLIQSAGLQEQEAAKKFIRIKREVSVEEGDKRAVFVPFDGFKVSFEIDF
DHPVFRGRTQQASVDFSSTSFVKEVSRARTFGFMRDIEYLRSQNLALGGSVENAIVVDENRVLNEDGLRYEDEFVKHKIL
DAIGDLYLLGNSLIGEFRGFKSGHALNNQLLRTLIADKDAWEVVTFEDARTAPISYMRP
;
_entity_poly.pdbx_strand_id   A
#
# COMPACT_ATOMS: atom_id res chain seq x y z
N MET A 1 26.71 -0.80 -0.92
CA MET A 1 25.63 -0.18 -0.12
C MET A 1 24.28 -0.67 -0.62
N ILE A 2 23.24 -0.53 0.17
CA ILE A 2 21.89 -0.72 -0.37
C ILE A 2 21.53 0.62 -1.05
N LYS A 3 21.35 0.59 -2.36
CA LYS A 3 21.15 1.76 -3.19
C LYS A 3 19.65 2.10 -3.41
N GLN A 4 19.37 3.37 -3.67
CA GLN A 4 18.00 3.75 -4.02
C GLN A 4 17.62 3.06 -5.35
N ARG A 5 16.32 2.76 -5.54
CA ARG A 5 15.75 2.35 -6.81
C ARG A 5 14.70 3.30 -7.39
N THR A 6 14.73 3.35 -8.70
CA THR A 6 13.67 3.90 -9.52
C THR A 6 13.33 2.89 -10.63
N LEU A 7 12.40 3.32 -11.47
CA LEU A 7 12.02 2.53 -12.66
C LEU A 7 13.11 2.67 -13.76
N LYS A 8 13.37 1.58 -14.47
CA LYS A 8 14.20 1.55 -15.64
C LYS A 8 13.45 2.11 -16.82
N ASN A 9 12.15 1.88 -16.93
CA ASN A 9 11.38 2.25 -18.07
C ASN A 9 10.02 2.59 -17.54
N ILE A 10 9.29 3.30 -18.37
CA ILE A 10 7.98 3.80 -18.04
C ILE A 10 6.97 2.66 -18.15
N ILE A 11 5.90 2.78 -17.40
CA ILE A 11 4.86 1.79 -17.37
C ILE A 11 3.61 2.55 -17.61
N ARG A 12 2.70 1.94 -18.30
CA ARG A 12 1.41 2.54 -18.55
C ARG A 12 0.36 1.48 -18.32
N ALA A 13 -0.79 1.90 -17.94
CA ALA A 13 -1.87 1.01 -17.77
C ALA A 13 -3.15 1.72 -17.73
N THR A 14 -4.23 1.03 -17.99
CA THR A 14 -5.54 1.67 -18.12
C THR A 14 -6.48 0.82 -17.29
N GLY A 15 -7.31 1.50 -16.48
CA GLY A 15 -8.24 0.81 -15.58
C GLY A 15 -9.41 1.64 -15.13
N VAL A 16 -10.01 1.26 -13.99
CA VAL A 16 -11.15 1.96 -13.47
C VAL A 16 -10.98 2.20 -11.98
N GLY A 17 -11.44 3.33 -11.47
CA GLY A 17 -11.41 3.57 -10.00
C GLY A 17 -12.47 2.67 -9.32
N LEU A 18 -12.05 1.97 -8.27
CA LEU A 18 -12.97 1.14 -7.49
C LEU A 18 -14.13 1.93 -6.94
N HIS A 19 -13.82 3.07 -6.34
CA HIS A 19 -14.91 3.94 -5.85
C HIS A 19 -15.59 4.86 -6.86
N SER A 20 -14.77 5.53 -7.63
CA SER A 20 -15.34 6.50 -8.64
C SER A 20 -15.99 5.85 -9.83
N GLY A 21 -15.60 4.62 -10.16
CA GLY A 21 -15.94 3.95 -11.42
C GLY A 21 -15.43 4.61 -12.69
N GLU A 22 -14.52 5.58 -12.58
CA GLU A 22 -14.04 6.34 -13.77
C GLU A 22 -12.88 5.62 -14.40
N LYS A 23 -12.82 5.67 -15.74
CA LYS A 23 -11.70 5.20 -16.47
C LYS A 23 -10.49 6.12 -16.20
N VAL A 24 -9.33 5.53 -16.08
CA VAL A 24 -8.14 6.26 -15.68
C VAL A 24 -6.95 5.63 -16.30
N TYR A 25 -6.03 6.51 -16.71
CA TYR A 25 -4.81 6.14 -17.42
C TYR A 25 -3.74 6.44 -16.46
N LEU A 26 -2.90 5.45 -16.24
CA LEU A 26 -1.82 5.52 -15.30
C LEU A 26 -0.49 5.43 -16.04
N THR A 27 0.47 6.22 -15.61
CA THR A 27 1.83 6.23 -16.13
C THR A 27 2.79 6.38 -14.95
N LEU A 28 3.68 5.43 -14.79
CA LEU A 28 4.75 5.50 -13.84
C LEU A 28 6.03 5.81 -14.55
N LYS A 29 6.76 6.74 -14.04
CA LYS A 29 8.03 7.12 -14.59
C LYS A 29 9.17 7.13 -13.64
N PRO A 30 10.39 7.05 -14.19
CA PRO A 30 11.58 7.24 -13.33
C PRO A 30 11.62 8.61 -12.65
N ALA A 31 12.24 8.69 -11.48
CA ALA A 31 12.44 9.96 -10.82
C ALA A 31 13.77 9.98 -10.18
N PRO A 32 14.35 11.18 -10.00
CA PRO A 32 15.76 11.27 -9.44
C PRO A 32 15.83 10.82 -7.93
N VAL A 33 17.05 10.67 -7.41
CA VAL A 33 17.26 10.25 -6.02
C VAL A 33 16.58 11.23 -5.09
N ASP A 34 16.10 10.69 -3.98
CA ASP A 34 15.40 11.43 -2.94
C ASP A 34 14.08 12.11 -3.36
N THR A 35 13.55 11.79 -4.55
CA THR A 35 12.21 12.25 -4.90
C THR A 35 11.08 11.63 -4.09
N GLY A 36 11.19 10.37 -3.76
CA GLY A 36 10.08 9.71 -3.14
C GLY A 36 9.04 9.36 -4.20
N ILE A 37 7.84 9.01 -3.80
CA ILE A 37 6.81 8.63 -4.76
C ILE A 37 5.94 9.83 -4.83
N VAL A 38 5.67 10.37 -6.04
CA VAL A 38 4.88 11.61 -6.15
C VAL A 38 3.75 11.37 -7.14
N PHE A 39 2.52 11.48 -6.70
CA PHE A 39 1.38 11.37 -7.62
C PHE A 39 1.18 12.68 -8.35
N SER A 40 0.79 12.60 -9.62
CA SER A 40 0.46 13.79 -10.44
C SER A 40 -0.89 13.66 -11.14
N ARG A 41 -1.81 14.59 -10.91
CA ARG A 41 -3.05 14.63 -11.69
C ARG A 41 -2.79 15.39 -12.99
N THR A 42 -2.56 14.67 -14.07
CA THR A 42 -2.19 15.25 -15.36
C THR A 42 -3.41 15.60 -16.23
N ASP A 43 -4.63 15.34 -15.74
CA ASP A 43 -5.87 15.84 -16.36
C ASP A 43 -6.11 17.33 -16.06
N LEU A 44 -5.44 17.86 -15.07
CA LEU A 44 -5.62 19.24 -14.69
C LEU A 44 -4.54 20.09 -15.31
N ASP A 45 -4.91 21.35 -15.54
CA ASP A 45 -3.99 22.39 -16.03
C ASP A 45 -3.98 23.60 -15.09
N PRO A 46 -2.87 23.89 -14.41
CA PRO A 46 -1.70 23.04 -14.35
C PRO A 46 -1.91 21.66 -13.63
N VAL A 47 -0.97 20.78 -13.88
CA VAL A 47 -0.87 19.50 -13.31
C VAL A 47 -0.68 19.68 -11.79
N VAL A 48 -1.33 18.83 -11.01
CA VAL A 48 -1.27 18.91 -9.54
C VAL A 48 -0.54 17.70 -8.94
N GLU A 49 0.64 17.92 -8.40
CA GLU A 49 1.46 16.89 -7.82
C GLU A 49 1.25 16.79 -6.30
N ILE A 50 1.17 15.58 -5.77
CA ILE A 50 0.95 15.36 -4.33
C ILE A 50 1.90 14.24 -3.91
N PRO A 51 2.97 14.56 -3.17
CA PRO A 51 3.83 13.52 -2.69
C PRO A 51 3.09 12.49 -1.86
N ALA A 52 3.49 11.24 -1.98
CA ALA A 52 2.84 10.15 -1.27
C ALA A 52 3.38 10.05 0.15
N ARG A 53 2.92 11.00 0.98
CA ARG A 53 3.42 11.20 2.33
C ARG A 53 2.27 11.33 3.30
N ALA A 54 2.52 10.89 4.53
CA ALA A 54 1.46 10.84 5.54
C ALA A 54 0.80 12.19 5.74
N GLU A 55 1.60 13.22 5.69
CA GLU A 55 1.05 14.64 5.77
C GLU A 55 0.03 15.01 4.72
N ASN A 56 -0.08 14.24 3.61
CA ASN A 56 -0.99 14.58 2.53
C ASN A 56 -2.26 13.72 2.53
N VAL A 57 -2.43 12.87 3.51
CA VAL A 57 -3.56 11.94 3.54
C VAL A 57 -4.74 12.75 3.91
N GLY A 58 -5.79 12.70 3.14
CA GLY A 58 -6.95 13.54 3.45
C GLY A 58 -8.17 12.82 3.99
N GLU A 59 -8.38 11.61 3.59
CA GLU A 59 -9.57 10.88 3.99
C GLU A 59 -9.11 9.43 4.07
N THR A 60 -9.74 8.65 4.95
CA THR A 60 -9.31 7.30 5.18
C THR A 60 -10.50 6.35 5.34
N THR A 61 -11.59 6.64 4.63
CA THR A 61 -12.78 5.79 4.66
C THR A 61 -12.84 4.77 3.48
N MET A 62 -12.62 3.52 3.76
CA MET A 62 -12.66 2.51 2.72
C MET A 62 -11.62 2.68 1.58
N SER A 63 -10.75 3.69 1.67
CA SER A 63 -9.46 3.73 0.98
C SER A 63 -8.52 4.75 1.60
N THR A 64 -7.28 4.81 1.18
CA THR A 64 -6.41 5.94 1.53
C THR A 64 -6.35 6.99 0.39
N THR A 65 -6.73 8.21 0.72
CA THR A 65 -6.82 9.32 -0.22
C THR A 65 -5.81 10.38 0.10
N LEU A 66 -5.04 10.78 -0.89
CA LEU A 66 -4.18 11.97 -0.83
C LEU A 66 -4.97 13.19 -1.30
N VAL A 67 -4.77 14.32 -0.63
CA VAL A 67 -5.49 15.58 -0.91
C VAL A 67 -4.52 16.76 -0.86
N LYS A 68 -4.68 17.68 -1.81
CA LYS A 68 -4.01 18.96 -1.84
C LYS A 68 -5.08 19.91 -2.29
N GLY A 69 -5.54 20.74 -1.35
CA GLY A 69 -6.66 21.62 -1.56
C GLY A 69 -7.93 20.88 -1.87
N ASP A 70 -8.52 21.23 -3.00
CA ASP A 70 -9.67 20.50 -3.52
C ASP A 70 -9.34 19.28 -4.32
N VAL A 71 -8.07 18.98 -4.53
CA VAL A 71 -7.67 17.99 -5.48
C VAL A 71 -7.33 16.71 -4.70
N LYS A 72 -7.79 15.55 -5.18
CA LYS A 72 -7.45 14.26 -4.55
C LYS A 72 -6.91 13.24 -5.50
N VAL A 73 -6.23 12.26 -4.91
CA VAL A 73 -5.87 11.00 -5.57
C VAL A 73 -6.26 9.89 -4.61
N ASP A 74 -7.32 9.14 -4.94
CA ASP A 74 -7.90 8.23 -4.06
C ASP A 74 -7.29 6.84 -4.36
N THR A 75 -7.28 6.01 -3.34
CA THR A 75 -7.06 4.60 -3.37
C THR A 75 -5.62 4.41 -3.78
N VAL A 76 -4.71 4.97 -3.02
CA VAL A 76 -3.24 4.78 -3.35
C VAL A 76 -2.56 3.52 -2.80
N GLU A 77 -3.22 2.81 -1.90
CA GLU A 77 -2.57 1.85 -1.00
C GLU A 77 -2.11 0.54 -1.71
N HIS A 78 -2.81 0.12 -2.76
CA HIS A 78 -2.35 -1.15 -3.47
C HIS A 78 -1.13 -0.86 -4.28
N LEU A 79 -1.12 0.28 -4.98
CA LEU A 79 0.05 0.64 -5.76
C LEU A 79 1.27 0.96 -4.92
N LEU A 80 1.04 1.71 -3.84
CA LEU A 80 2.01 1.93 -2.81
C LEU A 80 2.52 0.66 -2.19
N SER A 81 1.61 -0.28 -1.92
CA SER A 81 2.04 -1.61 -1.48
C SER A 81 3.08 -2.24 -2.45
N ALA A 82 2.77 -2.17 -3.76
CA ALA A 82 3.63 -2.76 -4.77
C ALA A 82 5.01 -2.09 -4.78
N MET A 83 5.01 -0.78 -4.69
CA MET A 83 6.25 -0.01 -4.83
C MET A 83 7.15 -0.30 -3.68
N ALA A 84 6.54 -0.35 -2.49
CA ALA A 84 7.21 -0.78 -1.24
C ALA A 84 7.75 -2.19 -1.36
N GLY A 85 6.91 -3.10 -1.81
CA GLY A 85 7.30 -4.48 -1.89
C GLY A 85 8.48 -4.70 -2.86
N LEU A 86 8.59 -3.86 -3.91
CA LEU A 86 9.70 -4.03 -4.84
C LEU A 86 10.92 -3.18 -4.53
N GLY A 87 10.81 -2.34 -3.51
CA GLY A 87 11.98 -1.50 -3.13
C GLY A 87 12.05 -0.22 -3.93
N ILE A 88 10.91 0.25 -4.44
CA ILE A 88 10.97 1.47 -5.36
C ILE A 88 10.96 2.75 -4.51
N ASP A 89 12.08 3.49 -4.44
CA ASP A 89 12.09 4.77 -3.67
C ASP A 89 11.50 5.96 -4.41
N ASN A 90 11.77 6.09 -5.70
CA ASN A 90 11.54 7.34 -6.45
C ASN A 90 10.80 7.03 -7.72
N ALA A 91 9.66 7.69 -7.93
CA ALA A 91 8.83 7.45 -9.11
C ALA A 91 7.80 8.54 -9.23
N TYR A 92 7.47 9.00 -10.42
CA TYR A 92 6.26 9.80 -10.61
C TYR A 92 5.18 8.89 -11.01
N VAL A 93 3.97 9.12 -10.54
CA VAL A 93 2.81 8.29 -10.85
C VAL A 93 1.78 9.27 -11.41
N GLU A 94 1.60 9.30 -12.74
CA GLU A 94 0.70 10.23 -13.35
C GLU A 94 -0.65 9.52 -13.44
N LEU A 95 -1.71 10.26 -13.18
CA LEU A 95 -3.07 9.75 -13.27
C LEU A 95 -3.92 10.75 -14.02
N SER A 96 -4.77 10.28 -14.93
CA SER A 96 -5.67 11.15 -15.73
C SER A 96 -7.02 11.39 -15.04
N ALA A 97 -7.14 10.89 -13.79
CA ALA A 97 -8.34 11.07 -13.00
C ALA A 97 -8.03 10.89 -11.48
N SER A 98 -9.07 11.03 -10.67
CA SER A 98 -8.91 11.19 -9.21
C SER A 98 -8.60 9.91 -8.44
N GLU A 99 -8.48 8.74 -9.10
CA GLU A 99 -8.35 7.45 -8.39
C GLU A 99 -7.45 6.53 -9.16
N VAL A 100 -6.53 5.88 -8.46
CA VAL A 100 -5.62 4.91 -9.05
C VAL A 100 -6.51 3.79 -9.57
N PRO A 101 -6.21 3.20 -10.75
CA PRO A 101 -7.03 2.07 -11.24
C PRO A 101 -6.88 0.87 -10.29
N ILE A 102 -8.00 0.21 -10.04
CA ILE A 102 -8.08 -0.96 -9.22
C ILE A 102 -7.47 -2.23 -9.81
N MET A 103 -7.31 -2.30 -11.11
CA MET A 103 -6.84 -3.53 -11.78
C MET A 103 -7.74 -4.73 -11.41
N ASP A 104 -7.17 -5.77 -10.83
CA ASP A 104 -7.88 -6.98 -10.44
C ASP A 104 -8.13 -7.03 -8.92
N GLY A 105 -8.09 -5.89 -8.21
CA GLY A 105 -8.16 -5.85 -6.80
C GLY A 105 -6.89 -5.96 -5.97
N SER A 106 -5.79 -6.34 -6.56
CA SER A 106 -4.57 -6.73 -5.80
C SER A 106 -3.45 -5.88 -6.28
N ALA A 107 -2.25 -6.19 -5.79
CA ALA A 107 -1.04 -5.55 -6.32
C ALA A 107 -0.35 -6.37 -7.47
N GLY A 108 -0.88 -7.55 -7.78
CA GLY A 108 -0.29 -8.47 -8.75
C GLY A 108 -0.05 -7.73 -10.08
N PRO A 109 -1.09 -7.18 -10.66
CA PRO A 109 -0.81 -6.39 -11.93
C PRO A 109 0.23 -5.29 -11.85
N PHE A 110 0.23 -4.45 -10.80
CA PHE A 110 1.34 -3.53 -10.58
C PHE A 110 2.73 -4.14 -10.45
N VAL A 111 2.89 -5.20 -9.66
CA VAL A 111 4.23 -5.80 -9.56
C VAL A 111 4.70 -6.44 -10.88
N PHE A 112 3.77 -7.00 -11.59
CA PHE A 112 4.09 -7.55 -12.95
C PHE A 112 4.56 -6.47 -13.97
N LEU A 113 3.74 -5.40 -14.05
CA LEU A 113 4.04 -4.28 -14.93
C LEU A 113 5.38 -3.61 -14.57
N ILE A 114 5.64 -3.46 -13.28
CA ILE A 114 6.87 -2.85 -12.78
C ILE A 114 8.07 -3.69 -13.11
N GLN A 115 7.96 -4.96 -12.83
CA GLN A 115 9.06 -5.88 -13.04
C GLN A 115 9.32 -6.18 -14.49
N SER A 116 8.28 -6.17 -15.32
CA SER A 116 8.45 -6.16 -16.81
C SER A 116 9.22 -4.89 -17.33
N ALA A 117 8.88 -3.68 -16.86
CA ALA A 117 9.71 -2.53 -17.12
C ALA A 117 11.16 -2.67 -16.57
N GLY A 118 11.32 -3.14 -15.33
CA GLY A 118 12.60 -3.30 -14.76
C GLY A 118 12.89 -2.14 -13.84
N LEU A 119 13.75 -2.39 -12.87
CA LEU A 119 14.20 -1.35 -11.95
C LEU A 119 15.62 -0.97 -12.23
N GLN A 120 15.93 0.23 -11.76
CA GLN A 120 17.22 0.85 -11.95
C GLN A 120 17.74 1.31 -10.59
N GLU A 121 18.84 0.71 -10.12
CA GLU A 121 19.55 1.20 -8.95
C GLU A 121 20.18 2.55 -9.21
N GLN A 122 20.13 3.42 -8.19
CA GLN A 122 20.66 4.82 -8.23
C GLN A 122 21.89 4.97 -7.32
N GLU A 123 22.77 5.89 -7.65
CA GLU A 123 24.06 5.96 -6.93
C GLU A 123 23.82 6.87 -5.70
N ALA A 124 23.06 6.34 -4.76
CA ALA A 124 22.81 7.02 -3.45
C ALA A 124 22.25 5.98 -2.51
N ALA A 125 22.60 6.09 -1.23
CA ALA A 125 22.22 5.07 -0.29
C ALA A 125 20.67 5.14 -0.11
N LYS A 126 20.03 4.00 -0.02
CA LYS A 126 18.61 3.90 0.33
C LYS A 126 18.49 4.25 1.83
N LYS A 127 17.57 5.17 2.15
CA LYS A 127 17.25 5.58 3.53
C LYS A 127 16.11 4.80 4.07
N PHE A 128 16.28 4.23 5.29
CA PHE A 128 15.22 3.46 5.94
C PHE A 128 14.80 4.16 7.24
N ILE A 129 13.54 4.01 7.65
CA ILE A 129 13.12 4.49 8.94
C ILE A 129 13.18 3.30 9.89
N ARG A 130 14.04 3.38 10.89
CA ARG A 130 14.23 2.34 11.89
C ARG A 130 13.44 2.62 13.14
N ILE A 131 12.59 1.66 13.54
CA ILE A 131 11.82 1.76 14.77
C ILE A 131 12.73 1.47 15.95
N LYS A 132 12.84 2.47 16.86
CA LYS A 132 13.67 2.28 18.02
C LYS A 132 12.93 2.22 19.37
N ARG A 133 11.62 2.51 19.37
CA ARG A 133 10.76 2.30 20.54
C ARG A 133 9.38 1.88 20.08
N GLU A 134 8.67 1.16 20.92
CA GLU A 134 7.31 0.78 20.59
C GLU A 134 6.40 1.98 20.55
N VAL A 135 5.62 2.11 19.49
CA VAL A 135 4.66 3.16 19.39
C VAL A 135 3.34 2.47 19.10
N SER A 136 2.32 2.73 19.88
CA SER A 136 1.02 2.14 19.57
C SER A 136 -0.04 3.20 19.54
N VAL A 137 -1.11 2.92 18.83
CA VAL A 137 -2.29 3.77 18.88
C VAL A 137 -3.46 2.88 18.93
N GLU A 138 -4.52 3.33 19.55
CA GLU A 138 -5.68 2.50 19.70
C GLU A 138 -6.87 3.40 19.62
N GLU A 139 -8.00 2.80 19.31
CA GLU A 139 -9.25 3.53 19.32
C GLU A 139 -10.35 2.52 19.41
N GLY A 140 -10.96 2.43 20.58
CA GLY A 140 -11.93 1.35 20.87
C GLY A 140 -11.19 0.03 20.89
N ASP A 141 -11.75 -0.96 20.18
CA ASP A 141 -11.15 -2.32 20.03
C ASP A 141 -10.13 -2.51 18.88
N LYS A 142 -9.71 -1.42 18.25
CA LYS A 142 -8.81 -1.44 17.11
C LYS A 142 -7.43 -1.01 17.60
N ARG A 143 -6.36 -1.61 17.11
CA ARG A 143 -5.03 -1.22 17.60
C ARG A 143 -4.00 -1.32 16.50
N ALA A 144 -3.02 -0.43 16.48
CA ALA A 144 -1.92 -0.60 15.54
C ALA A 144 -0.64 -0.22 16.23
N VAL A 145 0.43 -0.97 16.00
CA VAL A 145 1.63 -0.83 16.75
C VAL A 145 2.83 -1.01 15.91
N PHE A 146 3.85 -0.24 16.20
CA PHE A 146 5.19 -0.45 15.68
C PHE A 146 6.07 -0.91 16.79
N VAL A 147 6.84 -1.97 16.55
CA VAL A 147 7.73 -2.57 17.55
C VAL A 147 9.11 -2.59 16.90
N PRO A 148 10.15 -2.30 17.68
CA PRO A 148 11.51 -2.44 17.09
C PRO A 148 11.80 -3.90 16.66
N PHE A 149 12.48 -4.05 15.53
CA PHE A 149 12.76 -5.37 15.01
C PHE A 149 13.79 -5.22 13.94
N ASP A 150 14.73 -6.16 13.88
CA ASP A 150 15.89 -6.05 12.97
C ASP A 150 15.56 -6.75 11.67
N GLY A 151 14.73 -6.09 10.85
CA GLY A 151 14.19 -6.64 9.62
C GLY A 151 12.91 -5.93 9.31
N PHE A 152 11.96 -6.62 8.69
CA PHE A 152 10.63 -6.06 8.47
C PHE A 152 9.63 -7.17 8.43
N LYS A 153 8.69 -7.13 9.36
CA LYS A 153 7.63 -8.03 9.47
C LYS A 153 6.31 -7.39 9.78
N VAL A 154 5.26 -8.04 9.35
CA VAL A 154 3.91 -7.49 9.51
C VAL A 154 3.02 -8.55 10.03
N SER A 155 2.29 -8.26 11.10
CA SER A 155 1.28 -9.13 11.56
C SER A 155 -0.10 -8.44 11.52
N PHE A 156 -1.12 -9.24 11.29
CA PHE A 156 -2.45 -8.74 11.27
C PHE A 156 -3.46 -9.72 11.81
N GLU A 157 -4.49 -9.17 12.41
CA GLU A 157 -5.52 -9.97 13.02
C GLU A 157 -6.86 -9.27 12.81
N ILE A 158 -7.77 -9.92 12.12
CA ILE A 158 -9.09 -9.32 11.86
C ILE A 158 -10.11 -10.10 12.58
N ASP A 159 -11.07 -9.39 13.15
CA ASP A 159 -12.18 -10.08 13.77
C ASP A 159 -13.44 -9.81 12.94
N PHE A 160 -13.71 -10.70 11.99
CA PHE A 160 -14.93 -10.55 11.21
C PHE A 160 -15.91 -11.55 11.74
N ASP A 161 -17.12 -11.08 11.89
CA ASP A 161 -18.16 -11.89 12.48
C ASP A 161 -18.94 -12.46 11.29
N HIS A 162 -18.46 -13.56 10.70
CA HIS A 162 -18.95 -14.04 9.37
C HIS A 162 -18.64 -15.50 9.04
N PRO A 163 -19.61 -16.23 8.42
CA PRO A 163 -19.46 -17.66 8.10
C PRO A 163 -18.28 -18.05 7.23
N VAL A 164 -17.85 -17.15 6.37
CA VAL A 164 -16.76 -17.43 5.47
C VAL A 164 -15.45 -17.68 6.28
N PHE A 165 -15.43 -17.27 7.56
CA PHE A 165 -14.38 -17.66 8.55
C PHE A 165 -14.97 -18.65 9.58
N GLN A 170 -9.45 -14.14 11.52
CA GLN A 170 -8.29 -14.72 10.86
C GLN A 170 -7.09 -13.86 11.15
N GLN A 171 -5.92 -14.44 11.08
CA GLN A 171 -4.72 -13.75 11.43
C GLN A 171 -3.63 -14.25 10.57
N ALA A 172 -2.60 -13.43 10.42
CA ALA A 172 -1.42 -13.85 9.74
C ALA A 172 -0.25 -12.99 10.08
N SER A 173 0.91 -13.58 9.99
CA SER A 173 2.13 -12.87 10.08
C SER A 173 2.88 -13.11 8.79
N VAL A 174 3.72 -12.15 8.43
CA VAL A 174 4.64 -12.32 7.37
C VAL A 174 5.92 -11.66 7.82
N ASP A 175 7.05 -12.28 7.57
CA ASP A 175 8.30 -11.67 7.84
C ASP A 175 8.97 -11.72 6.50
N PHE A 176 9.45 -10.60 5.99
CA PHE A 176 10.07 -10.63 4.69
C PHE A 176 11.48 -11.36 4.62
N SER A 177 11.99 -11.85 5.76
CA SER A 177 13.16 -12.76 5.75
C SER A 177 12.90 -14.12 5.06
N SER A 178 11.65 -14.55 5.05
CA SER A 178 11.23 -15.75 4.37
C SER A 178 10.04 -15.57 3.42
N THR A 179 9.15 -14.65 3.71
CA THR A 179 8.06 -14.42 2.79
C THR A 179 8.48 -13.60 1.54
N SER A 180 8.03 -14.07 0.37
CA SER A 180 8.00 -13.25 -0.86
C SER A 180 6.75 -12.38 -0.84
N PHE A 181 6.96 -11.04 -0.78
CA PHE A 181 5.86 -10.08 -1.11
C PHE A 181 5.10 -10.50 -2.38
N VAL A 182 5.87 -10.74 -3.45
CA VAL A 182 5.29 -11.07 -4.73
C VAL A 182 4.44 -12.32 -4.66
N LYS A 183 4.97 -13.43 -4.17
CA LYS A 183 4.26 -14.73 -4.31
C LYS A 183 3.13 -14.93 -3.31
N GLU A 184 3.37 -14.40 -2.10
CA GLU A 184 2.56 -14.65 -0.92
C GLU A 184 1.68 -13.52 -0.46
N VAL A 185 1.96 -12.27 -0.85
CA VAL A 185 1.05 -11.16 -0.57
C VAL A 185 0.49 -10.47 -1.82
N SER A 186 1.28 -10.26 -2.85
CA SER A 186 0.83 -9.33 -3.89
C SER A 186 -0.49 -9.63 -4.58
N ARG A 187 -0.82 -10.90 -4.72
CA ARG A 187 -2.04 -11.37 -5.38
C ARG A 187 -3.33 -11.30 -4.57
N ALA A 188 -3.23 -10.91 -3.29
CA ALA A 188 -4.41 -10.95 -2.46
C ALA A 188 -5.32 -9.84 -2.88
N ARG A 189 -6.60 -10.16 -3.11
CA ARG A 189 -7.52 -9.15 -3.63
C ARG A 189 -8.37 -8.39 -2.60
N THR A 190 -8.75 -7.20 -3.03
CA THR A 190 -9.73 -6.37 -2.40
C THR A 190 -11.02 -7.20 -2.19
N PHE A 191 -11.68 -6.96 -1.06
CA PHE A 191 -12.89 -7.70 -0.69
C PHE A 191 -13.95 -6.88 -0.09
N GLY A 192 -15.19 -7.38 -0.24
CA GLY A 192 -16.27 -6.68 0.42
C GLY A 192 -17.53 -7.51 0.56
N PHE A 193 -18.36 -7.08 1.50
CA PHE A 193 -19.57 -7.80 1.89
C PHE A 193 -20.77 -7.09 1.30
N MET A 194 -21.67 -7.88 0.73
CA MET A 194 -22.88 -7.35 0.13
C MET A 194 -23.63 -6.26 0.94
N ARG A 195 -23.75 -6.39 2.26
CA ARG A 195 -24.44 -5.33 3.04
C ARG A 195 -23.74 -3.96 2.96
N ASP A 196 -22.42 -3.97 3.04
CA ASP A 196 -21.63 -2.75 2.91
C ASP A 196 -21.64 -2.20 1.49
N ILE A 197 -21.46 -3.08 0.52
CA ILE A 197 -21.39 -2.65 -0.88
C ILE A 197 -22.62 -1.78 -1.19
N GLU A 198 -23.84 -2.25 -0.87
CA GLU A 198 -25.05 -1.43 -1.14
C GLU A 198 -25.01 -0.09 -0.40
N TYR A 199 -24.72 -0.11 0.91
CA TYR A 199 -24.51 1.14 1.68
C TYR A 199 -23.50 2.09 1.00
N LEU A 200 -22.33 1.56 0.68
CA LEU A 200 -21.30 2.31 -0.06
C LEU A 200 -21.80 2.91 -1.36
N ARG A 201 -22.52 2.12 -2.16
CA ARG A 201 -23.14 2.64 -3.38
C ARG A 201 -24.20 3.71 -3.11
N SER A 202 -24.96 3.53 -2.02
CA SER A 202 -25.94 4.53 -1.55
C SER A 202 -25.25 5.81 -1.07
N GLN A 203 -24.02 5.65 -0.57
CA GLN A 203 -23.12 6.75 -0.21
C GLN A 203 -22.23 7.16 -1.38
N ASN A 204 -22.67 6.75 -2.58
CA ASN A 204 -22.05 7.00 -3.86
C ASN A 204 -20.61 6.51 -3.99
N LEU A 205 -20.20 5.53 -3.19
CA LEU A 205 -18.89 4.88 -3.28
C LEU A 205 -19.00 3.47 -3.90
N ALA A 206 -17.86 2.83 -4.09
CA ALA A 206 -17.80 1.46 -4.60
C ALA A 206 -18.30 1.32 -6.03
N LEU A 207 -18.39 2.43 -6.74
CA LEU A 207 -19.04 2.43 -8.06
C LEU A 207 -18.38 1.58 -9.13
N GLY A 208 -17.06 1.41 -9.04
CA GLY A 208 -16.37 0.50 -9.96
C GLY A 208 -16.21 -0.94 -9.57
N GLY A 209 -16.67 -1.36 -8.40
CA GLY A 209 -16.33 -2.69 -7.95
C GLY A 209 -17.21 -3.74 -8.55
N SER A 210 -16.65 -4.92 -8.79
CA SER A 210 -17.35 -6.02 -9.39
C SER A 210 -16.55 -7.28 -9.11
N VAL A 211 -17.06 -8.43 -9.55
CA VAL A 211 -16.29 -9.66 -9.29
C VAL A 211 -14.94 -9.70 -10.06
N GLU A 212 -14.76 -8.76 -11.00
CA GLU A 212 -13.52 -8.62 -11.72
C GLU A 212 -12.38 -7.99 -10.98
N ASN A 213 -12.67 -7.21 -9.95
CA ASN A 213 -11.63 -6.48 -9.20
C ASN A 213 -11.73 -6.67 -7.70
N ALA A 214 -12.66 -7.52 -7.22
CA ALA A 214 -12.82 -7.79 -5.80
C ALA A 214 -13.51 -9.11 -5.50
N ILE A 215 -13.15 -9.67 -4.32
CA ILE A 215 -13.86 -10.82 -3.76
C ILE A 215 -15.19 -10.23 -3.31
N VAL A 216 -16.30 -10.76 -3.81
CA VAL A 216 -17.59 -10.33 -3.34
C VAL A 216 -18.18 -11.42 -2.43
N VAL A 217 -18.50 -11.08 -1.18
CA VAL A 217 -19.11 -12.03 -0.21
C VAL A 217 -20.56 -11.73 0.19
N ASP A 218 -21.49 -12.68 0.06
CA ASP A 218 -22.82 -12.49 0.69
C ASP A 218 -22.81 -12.88 2.18
N GLU A 219 -23.97 -13.24 2.73
CA GLU A 219 -23.98 -13.61 4.12
C GLU A 219 -23.28 -14.90 4.41
N ASN A 220 -23.11 -15.78 3.42
CA ASN A 220 -22.39 -17.06 3.64
C ASN A 220 -21.11 -17.31 2.88
N ARG A 221 -21.06 -16.87 1.62
CA ARG A 221 -20.01 -17.32 0.77
C ARG A 221 -19.50 -16.32 -0.27
N VAL A 222 -18.24 -16.55 -0.67
CA VAL A 222 -17.61 -15.85 -1.74
C VAL A 222 -18.38 -16.16 -3.02
N LEU A 223 -18.90 -15.14 -3.68
CA LEU A 223 -19.67 -15.32 -4.94
C LEU A 223 -18.82 -15.45 -6.20
N ASN A 224 -17.57 -15.02 -6.15
CA ASN A 224 -16.73 -15.12 -7.33
C ASN A 224 -16.67 -16.59 -7.73
N GLU A 225 -17.02 -16.87 -8.97
CA GLU A 225 -16.97 -18.25 -9.51
C GLU A 225 -15.71 -19.03 -9.24
N ASP A 226 -14.55 -18.40 -9.43
CA ASP A 226 -13.25 -19.06 -9.27
C ASP A 226 -12.67 -19.14 -7.87
N GLY A 227 -13.32 -18.52 -6.88
CA GLY A 227 -12.95 -18.72 -5.48
C GLY A 227 -11.70 -17.91 -5.08
N LEU A 228 -10.90 -18.44 -4.16
CA LEU A 228 -9.87 -17.64 -3.52
C LEU A 228 -8.50 -17.95 -4.08
N ARG A 229 -7.57 -17.02 -3.95
CA ARG A 229 -6.22 -17.19 -4.44
C ARG A 229 -5.30 -17.74 -3.37
N TYR A 230 -5.69 -17.50 -2.11
CA TYR A 230 -5.06 -18.05 -0.95
C TYR A 230 -6.16 -18.37 0.03
N GLU A 231 -5.95 -19.39 0.85
CA GLU A 231 -6.93 -19.79 1.82
C GLU A 231 -7.25 -18.63 2.82
N ASP A 232 -6.21 -17.89 3.16
CA ASP A 232 -6.33 -16.71 4.01
C ASP A 232 -6.23 -15.36 3.21
N GLU A 233 -6.75 -15.31 1.99
CA GLU A 233 -6.70 -14.09 1.15
C GLU A 233 -7.10 -12.79 1.82
N PHE A 234 -8.11 -12.82 2.69
CA PHE A 234 -8.64 -11.60 3.26
C PHE A 234 -7.61 -10.95 4.12
N VAL A 235 -7.06 -11.71 5.03
CA VAL A 235 -6.12 -11.15 5.95
C VAL A 235 -4.80 -10.80 5.20
N LYS A 236 -4.40 -11.61 4.22
CA LYS A 236 -3.22 -11.29 3.42
C LYS A 236 -3.43 -9.93 2.71
N HIS A 237 -4.68 -9.65 2.29
CA HIS A 237 -4.97 -8.37 1.68
C HIS A 237 -4.86 -7.25 2.71
N LYS A 238 -5.29 -7.46 3.97
CA LYS A 238 -5.14 -6.45 4.98
C LYS A 238 -3.67 -6.11 5.19
N ILE A 239 -2.81 -7.11 5.07
CA ILE A 239 -1.34 -6.92 5.17
C ILE A 239 -0.85 -6.11 3.98
N LEU A 240 -1.34 -6.46 2.80
CA LEU A 240 -1.05 -5.70 1.60
C LEU A 240 -1.40 -4.20 1.83
N ASP A 241 -2.66 -3.93 2.19
CA ASP A 241 -3.09 -2.57 2.48
C ASP A 241 -2.18 -1.95 3.45
N ALA A 242 -1.85 -2.63 4.56
CA ALA A 242 -1.04 -1.97 5.65
C ALA A 242 0.37 -1.62 5.18
N ILE A 243 0.94 -2.46 4.28
CA ILE A 243 2.29 -2.17 3.73
C ILE A 243 2.22 -0.90 2.91
N GLY A 244 1.09 -0.74 2.23
CA GLY A 244 0.89 0.44 1.34
C GLY A 244 0.72 1.72 2.15
N ASP A 245 -0.10 1.65 3.21
CA ASP A 245 -0.33 2.75 4.12
C ASP A 245 0.95 3.13 4.86
N LEU A 246 1.70 2.15 5.23
CA LEU A 246 2.99 2.43 5.87
C LEU A 246 4.07 3.00 5.00
N TYR A 247 3.96 2.80 3.69
CA TYR A 247 4.91 3.39 2.78
C TYR A 247 4.74 4.88 2.64
N LEU A 248 3.57 5.38 3.02
CA LEU A 248 3.44 6.86 3.22
C LEU A 248 4.40 7.55 4.18
N LEU A 249 5.10 6.79 5.00
CA LEU A 249 6.29 7.30 5.69
C LEU A 249 7.34 7.82 4.71
N GLY A 250 7.33 7.31 3.46
CA GLY A 250 8.19 7.79 2.39
C GLY A 250 9.58 7.17 2.43
N ASN A 251 9.77 6.13 3.26
CA ASN A 251 10.97 5.26 3.28
C ASN A 251 10.59 3.91 3.85
N SER A 252 11.32 2.86 3.46
CA SER A 252 11.06 1.53 3.95
C SER A 252 11.39 1.52 5.45
N LEU A 253 10.69 0.64 6.11
CA LEU A 253 10.76 0.42 7.54
C LEU A 253 11.74 -0.72 7.89
N ILE A 254 12.50 -0.49 8.95
CA ILE A 254 13.13 -1.54 9.69
C ILE A 254 12.38 -1.61 11.03
N GLY A 255 11.49 -2.58 11.16
CA GLY A 255 10.72 -2.73 12.37
C GLY A 255 9.61 -3.67 12.05
N GLU A 256 8.71 -3.76 13.00
CA GLU A 256 7.60 -4.69 12.98
C GLU A 256 6.33 -3.92 13.06
N PHE A 257 5.28 -4.34 12.37
CA PHE A 257 3.97 -3.70 12.49
C PHE A 257 3.02 -4.75 12.89
N ARG A 258 2.12 -4.41 13.80
CA ARG A 258 1.09 -5.32 14.20
C ARG A 258 -0.23 -4.60 14.17
N GLY A 259 -1.17 -5.16 13.46
CA GLY A 259 -2.49 -4.55 13.33
C GLY A 259 -3.58 -5.43 13.91
N PHE A 260 -4.48 -4.82 14.68
CA PHE A 260 -5.60 -5.57 15.30
C PHE A 260 -6.85 -4.84 14.96
N LYS A 261 -7.54 -5.38 13.99
CA LYS A 261 -8.72 -4.74 13.38
C LYS A 261 -8.46 -3.33 12.83
N SER A 262 -7.20 -3.00 12.50
CA SER A 262 -6.90 -1.65 12.10
C SER A 262 -7.27 -1.48 10.62
N GLY A 263 -7.50 -0.23 10.26
CA GLY A 263 -7.80 0.11 8.86
C GLY A 263 -6.96 1.27 8.47
N HIS A 264 -7.38 1.92 7.38
CA HIS A 264 -6.64 3.06 6.81
C HIS A 264 -6.52 4.20 7.82
N ALA A 265 -7.61 4.45 8.54
CA ALA A 265 -7.65 5.54 9.55
C ALA A 265 -6.62 5.38 10.63
N LEU A 266 -6.62 4.20 11.30
CA LEU A 266 -5.73 3.98 12.46
C LEU A 266 -4.28 3.86 12.01
N ASN A 267 -4.10 3.31 10.81
CA ASN A 267 -2.77 3.14 10.17
C ASN A 267 -2.19 4.53 9.97
N ASN A 268 -3.00 5.47 9.45
CA ASN A 268 -2.48 6.85 9.31
C ASN A 268 -2.22 7.54 10.68
N GLN A 269 -3.14 7.36 11.59
CA GLN A 269 -2.95 7.79 12.98
C GLN A 269 -1.58 7.29 13.54
N LEU A 270 -1.22 6.04 13.26
CA LEU A 270 0.02 5.51 13.74
C LEU A 270 1.23 6.19 13.14
N LEU A 271 1.21 6.41 11.83
CA LEU A 271 2.26 7.13 11.13
C LEU A 271 2.44 8.50 11.69
N ARG A 272 1.33 9.14 12.01
CA ARG A 272 1.41 10.53 12.54
C ARG A 272 1.97 10.66 13.97
N THR A 273 1.55 9.76 14.82
CA THR A 273 2.15 9.60 16.15
C THR A 273 3.62 9.25 16.08
N LEU A 274 3.98 8.34 15.18
CA LEU A 274 5.37 7.95 14.96
C LEU A 274 6.18 9.13 14.56
N ILE A 275 5.75 9.79 13.50
CA ILE A 275 6.49 10.95 12.99
C ILE A 275 6.66 12.02 14.07
N ALA A 276 5.62 12.25 14.82
CA ALA A 276 5.73 13.21 15.93
C ALA A 276 6.70 12.80 17.06
N ASP A 277 6.84 11.48 17.29
CA ASP A 277 7.71 11.02 18.29
C ASP A 277 9.10 10.69 17.82
N LYS A 278 9.93 11.71 17.65
CA LYS A 278 11.25 11.49 17.10
C LYS A 278 12.16 10.62 17.96
N ASP A 279 11.84 10.40 19.24
CA ASP A 279 12.66 9.44 20.01
C ASP A 279 12.43 7.99 19.58
N ALA A 280 11.33 7.72 18.88
CA ALA A 280 10.97 6.36 18.51
C ALA A 280 11.51 5.86 17.16
N TRP A 281 12.16 6.71 16.38
CA TRP A 281 12.66 6.36 15.07
C TRP A 281 13.90 7.23 14.70
N GLU A 282 14.58 6.75 13.72
CA GLU A 282 15.75 7.40 13.20
C GLU A 282 15.95 6.90 11.75
N VAL A 283 16.56 7.72 10.90
CA VAL A 283 16.77 7.34 9.49
C VAL A 283 18.14 6.72 9.36
N VAL A 284 18.22 5.58 8.69
CA VAL A 284 19.51 4.93 8.56
C VAL A 284 19.77 4.52 7.10
N THR A 285 21.05 4.40 6.79
CA THR A 285 21.49 3.84 5.54
C THR A 285 22.39 2.63 5.81
N PHE A 286 22.66 1.87 4.76
CA PHE A 286 23.54 0.71 4.90
C PHE A 286 24.56 0.78 3.79
N GLU A 287 25.77 1.17 4.18
CA GLU A 287 26.90 1.23 3.24
C GLU A 287 27.43 -0.13 2.77
N ASP A 288 27.14 -1.16 3.52
CA ASP A 288 27.55 -2.51 3.15
C ASP A 288 26.27 -3.31 3.22
N ALA A 289 25.75 -3.67 2.08
CA ALA A 289 24.53 -4.52 2.04
C ALA A 289 24.66 -5.82 2.83
N ARG A 290 25.91 -6.25 3.06
CA ARG A 290 26.16 -7.61 3.62
C ARG A 290 25.84 -7.72 5.11
N THR A 291 25.84 -6.57 5.77
CA THR A 291 25.57 -6.48 7.20
C THR A 291 24.21 -5.92 7.51
N ALA A 292 23.41 -5.61 6.51
CA ALA A 292 22.07 -5.05 6.74
C ALA A 292 21.07 -6.11 7.18
N PRO A 293 19.97 -5.70 7.85
CA PRO A 293 19.02 -6.72 8.32
C PRO A 293 17.99 -7.06 7.27
N ILE A 294 18.01 -6.40 6.15
CA ILE A 294 17.09 -6.75 5.09
C ILE A 294 17.85 -6.88 3.77
N SER A 295 17.22 -7.56 2.84
CA SER A 295 17.72 -7.61 1.49
C SER A 295 16.57 -7.47 0.52
N TYR A 296 16.93 -7.07 -0.67
CA TYR A 296 15.99 -6.96 -1.78
C TYR A 296 16.37 -7.95 -2.89
N MET A 297 15.36 -8.42 -3.59
CA MET A 297 15.62 -9.20 -4.82
C MET A 297 16.40 -8.36 -5.80
N ARG A 298 17.07 -9.02 -6.73
CA ARG A 298 17.87 -8.39 -7.77
C ARG A 298 17.02 -7.40 -8.58
N PRO A 299 17.66 -6.30 -9.02
CA PRO A 299 16.92 -5.21 -9.70
C PRO A 299 16.40 -5.53 -11.13
#